data_2E33
#
_entry.id   2E33
#
_cell.length_a   148.314
_cell.length_b   148.314
_cell.length_c   148.314
_cell.angle_alpha   90.00
_cell.angle_beta   90.00
_cell.angle_gamma   90.00
#
_symmetry.space_group_name_H-M   'P 4 3 2'
#
loop_
_entity.id
_entity.type
_entity.pdbx_description
1 polymer 'F-box only protein 2'
2 polymer 'Ribonuclease pancreatic'
3 branched alpha-D-mannopyranose-(1-3)-[alpha-D-mannopyranose-(1-6)]beta-D-mannopyranose-(1-4)-2-acetamido-2-deoxy-beta-D-glucopyranose-(1-4)-2-acetamido-2-deoxy-beta-D-glucopyranose
#
loop_
_entity_poly.entity_id
_entity_poly.type
_entity_poly.pdbx_seq_one_letter_code
_entity_poly.pdbx_strand_id
1 'polypeptide(L)'
;GSHMGSADEERDHWQQFYFLSKRRRNLLRNPCGEEDLEGWSDVEHGGDGWKVEELPGDNGVEFTQDDSVKKYFASSFEWC
RKAQVIDLQAEGYWEELLDTTQPAIVVKDWYSGRTDAGSLYELTVRLLSENEDVLAEFATGQVAVPEDGSWMEISHTFID
YGPGVRFVRFEHGGQDSVYWKGWFGARVTNSSVWVEP
;
A
2 'polypeptide(L)'
;KETAAAKFERQHMDSSTSAASSSNYCNQMMKSRNLTKDRCKPVNTFVHESLADVQAVCSQKNVACKNGQTNCYQSYSTMS
ITDCRETGSSKYPNCAYKTTQANKHIIVACEGNPYVPVHFDASV
;
B
#
# COMPACT_ATOMS: atom_id res chain seq x y z
N ARG A 23 -22.61 23.61 -13.52
CA ARG A 23 -21.72 23.14 -14.58
C ARG A 23 -20.53 22.89 -13.80
N ARG A 24 -20.36 21.77 -13.05
CA ARG A 24 -21.30 20.68 -12.80
C ARG A 24 -21.15 20.50 -11.26
N ARG A 25 -22.07 19.87 -10.49
CA ARG A 25 -21.73 19.74 -9.04
C ARG A 25 -21.10 18.46 -8.54
N ASN A 26 -19.96 18.65 -7.85
CA ASN A 26 -19.23 17.60 -7.18
C ASN A 26 -20.17 16.93 -6.19
N LEU A 27 -20.39 15.63 -6.32
CA LEU A 27 -21.18 14.93 -5.33
C LEU A 27 -20.33 14.30 -4.19
N LEU A 28 -19.13 14.77 -3.92
CA LEU A 28 -18.41 14.14 -2.88
C LEU A 28 -18.28 15.20 -1.81
N ARG A 29 -18.75 14.92 -0.60
CA ARG A 29 -18.45 15.77 0.54
C ARG A 29 -16.91 15.90 0.74
N ASN A 30 -16.46 17.07 1.18
CA ASN A 30 -15.12 17.27 1.77
C ASN A 30 -13.95 16.62 1.02
N PRO A 31 -13.77 17.08 -0.24
CA PRO A 31 -12.81 16.50 -1.14
C PRO A 31 -11.40 16.76 -0.66
N CYS A 32 -11.16 17.79 0.13
CA CYS A 32 -9.75 18.06 0.40
C CYS A 32 -9.35 18.03 1.82
N GLY A 33 -10.18 17.45 2.69
CA GLY A 33 -9.99 17.50 4.14
C GLY A 33 -10.14 18.88 4.82
N GLU A 34 -10.68 19.91 4.12
CA GLU A 34 -11.10 21.11 4.83
C GLU A 34 -11.88 20.69 6.03
N GLU A 35 -12.59 19.58 6.02
CA GLU A 35 -13.35 19.28 7.22
C GLU A 35 -12.91 17.97 7.82
N ASP A 36 -11.59 17.87 8.04
CA ASP A 36 -10.94 16.64 8.47
C ASP A 36 -11.49 15.44 7.74
N LEU A 37 -12.05 14.47 8.44
CA LEU A 37 -12.58 13.33 7.75
C LEU A 37 -14.06 13.19 7.65
N GLU A 38 -14.79 14.23 8.03
CA GLU A 38 -16.27 14.25 7.93
C GLU A 38 -16.68 14.02 6.47
N GLY A 39 -17.72 13.24 6.28
CA GLY A 39 -18.19 12.95 4.96
C GLY A 39 -17.66 11.67 4.38
N TRP A 40 -16.53 11.20 4.90
CA TRP A 40 -15.93 9.98 4.36
C TRP A 40 -16.29 8.84 5.24
N SER A 41 -16.67 7.71 4.68
CA SER A 41 -16.85 6.54 5.53
C SER A 41 -15.84 5.33 5.17
N ASP A 42 -15.90 4.21 5.91
CA ASP A 42 -14.93 3.12 5.80
C ASP A 42 -13.56 3.69 5.89
N VAL A 43 -13.36 4.66 6.75
CA VAL A 43 -12.03 5.18 6.87
C VAL A 43 -11.17 4.04 7.44
N GLU A 44 -10.06 3.67 6.76
CA GLU A 44 -9.13 2.70 7.31
C GLU A 44 -7.90 3.44 7.67
N HIS A 45 -7.59 3.53 8.96
CA HIS A 45 -6.33 4.15 9.35
C HIS A 45 -5.19 3.15 9.39
N GLY A 46 -4.40 3.02 8.32
CA GLY A 46 -3.23 2.15 8.38
C GLY A 46 -2.15 2.98 9.00
N GLY A 47 -1.17 2.31 9.62
CA GLY A 47 0.02 3.00 10.15
C GLY A 47 -0.38 4.03 11.20
N ASP A 48 0.16 5.22 11.09
CA ASP A 48 -0.23 6.37 11.90
C ASP A 48 -1.45 7.12 11.33
N GLY A 49 -2.41 6.37 10.79
CA GLY A 49 -3.57 6.83 9.98
C GLY A 49 -3.40 7.95 8.93
N TRP A 50 -4.56 8.35 8.37
CA TRP A 50 -4.63 9.58 7.52
C TRP A 50 -4.28 10.88 8.26
N LYS A 51 -3.63 11.83 7.63
CA LYS A 51 -3.47 13.12 8.26
C LYS A 51 -3.70 14.24 7.21
N VAL A 52 -4.56 15.22 7.53
CA VAL A 52 -4.74 16.33 6.59
C VAL A 52 -3.49 17.21 6.70
N GLU A 53 -2.88 17.66 5.58
CA GLU A 53 -1.77 18.65 5.61
C GLU A 53 -1.97 19.75 4.59
N GLU A 54 -1.13 20.76 4.64
CA GLU A 54 -1.30 21.83 3.72
C GLU A 54 -0.34 21.82 2.55
N LEU A 55 -0.79 22.39 1.46
CA LEU A 55 -0.05 22.39 0.23
C LEU A 55 1.03 23.50 0.26
N PRO A 56 2.19 23.29 -0.37
CA PRO A 56 2.82 22.04 -0.89
C PRO A 56 3.24 21.32 0.37
N GLY A 57 3.10 20.03 0.53
CA GLY A 57 3.43 19.57 1.88
C GLY A 57 4.94 19.44 2.06
N ASP A 58 5.40 19.11 3.27
CA ASP A 58 6.76 18.58 3.53
C ASP A 58 7.32 17.72 2.39
N ASN A 59 8.32 18.23 1.68
CA ASN A 59 8.95 17.48 0.59
C ASN A 59 8.03 17.03 -0.51
N GLY A 60 7.11 17.90 -0.92
CA GLY A 60 6.35 17.64 -2.16
C GLY A 60 5.98 18.83 -3.03
N VAL A 61 5.78 18.64 -4.34
CA VAL A 61 5.56 19.75 -5.29
C VAL A 61 4.25 20.58 -5.20
N GLU A 62 4.35 21.78 -5.73
CA GLU A 62 3.26 22.73 -5.63
C GLU A 62 1.99 22.23 -6.34
N PHE A 63 0.80 22.51 -5.83
CA PHE A 63 -0.40 22.11 -6.60
C PHE A 63 -0.71 23.20 -7.64
N THR A 64 -0.48 22.93 -8.91
CA THR A 64 -0.40 24.06 -9.86
C THR A 64 -1.72 24.55 -10.37
N GLN A 65 -2.78 23.75 -10.29
CA GLN A 65 -3.89 24.08 -11.21
C GLN A 65 -5.33 24.05 -10.64
N ASP A 66 -5.44 24.63 -9.46
CA ASP A 66 -6.69 25.00 -8.88
C ASP A 66 -6.30 25.55 -7.54
N ASP A 67 -6.20 26.87 -7.52
CA ASP A 67 -5.63 27.59 -6.41
C ASP A 67 -6.52 27.59 -5.19
N SER A 68 -7.75 27.17 -5.40
CA SER A 68 -8.72 26.97 -4.31
C SER A 68 -8.45 25.71 -3.44
N VAL A 69 -7.46 24.88 -3.80
CA VAL A 69 -7.23 23.61 -3.15
C VAL A 69 -6.06 23.82 -2.15
N LYS A 70 -6.25 23.77 -0.84
CA LYS A 70 -5.16 24.15 0.06
C LYS A 70 -4.65 22.97 0.92
N LYS A 71 -5.26 21.80 0.74
CA LYS A 71 -5.04 20.70 1.67
C LYS A 71 -5.27 19.35 0.96
N TYR A 72 -4.42 18.34 1.24
CA TYR A 72 -4.62 16.97 0.74
C TYR A 72 -4.72 16.06 1.93
N PHE A 73 -5.21 14.84 1.76
CA PHE A 73 -5.03 13.83 2.81
C PHE A 73 -3.76 12.96 2.56
N ALA A 74 -2.99 12.66 3.61
CA ALA A 74 -1.69 11.94 3.52
C ALA A 74 -1.76 10.51 4.04
N SER A 75 -1.29 9.48 3.33
CA SER A 75 -1.36 8.15 4.00
C SER A 75 -0.08 7.74 4.78
N SER A 76 -0.16 6.66 5.57
CA SER A 76 1.03 6.27 6.41
C SER A 76 1.70 4.97 5.88
N PHE A 77 2.16 4.11 6.79
CA PHE A 77 3.02 3.02 6.40
C PHE A 77 2.25 1.75 6.29
N GLU A 78 0.96 1.74 6.55
CA GLU A 78 0.17 0.59 6.09
C GLU A 78 -0.93 1.23 5.34
N TRP A 79 -1.59 0.51 4.42
CA TRP A 79 -2.74 1.05 3.67
C TRP A 79 -3.67 1.75 4.54
N CYS A 80 -3.90 3.03 4.16
CA CYS A 80 -5.05 3.90 4.51
C CYS A 80 -6.05 4.00 3.34
N ARG A 81 -7.31 3.73 3.62
CA ARG A 81 -8.39 3.94 2.69
C ARG A 81 -9.52 4.80 3.21
N LYS A 82 -10.44 5.11 2.30
CA LYS A 82 -11.66 5.84 2.60
C LYS A 82 -12.58 5.89 1.38
N ALA A 83 -13.89 5.89 1.59
CA ALA A 83 -14.88 5.84 0.58
C ALA A 83 -16.00 6.86 0.87
N GLN A 84 -16.94 6.97 -0.07
CA GLN A 84 -18.17 7.72 0.11
C GLN A 84 -18.99 6.92 -0.81
N VAL A 85 -20.25 6.73 -0.44
CA VAL A 85 -21.26 6.01 -1.25
C VAL A 85 -22.28 7.07 -1.63
N ILE A 86 -22.39 7.39 -2.89
CA ILE A 86 -23.17 8.53 -3.27
C ILE A 86 -24.44 8.03 -3.80
N ASP A 87 -25.52 8.55 -3.25
CA ASP A 87 -26.80 8.15 -3.67
C ASP A 87 -27.34 9.11 -4.74
N LEU A 88 -27.65 8.61 -5.91
CA LEU A 88 -27.94 9.50 -7.00
C LEU A 88 -29.24 10.24 -6.85
N GLN A 89 -30.16 9.60 -6.11
CA GLN A 89 -31.43 10.18 -5.83
C GLN A 89 -31.26 11.24 -4.72
N ALA A 90 -30.62 10.91 -3.58
CA ALA A 90 -30.52 11.93 -2.46
C ALA A 90 -29.96 13.27 -2.96
N GLU A 91 -29.18 13.17 -4.06
CA GLU A 91 -28.44 14.24 -4.71
C GLU A 91 -29.25 14.85 -5.86
N GLY A 92 -30.38 14.29 -6.20
CA GLY A 92 -31.18 15.06 -7.10
C GLY A 92 -31.54 14.41 -8.39
N TYR A 93 -31.00 13.24 -8.67
CA TYR A 93 -31.41 12.51 -9.86
C TYR A 93 -32.48 11.46 -9.50
N TRP A 94 -33.00 10.79 -10.53
CA TRP A 94 -34.15 9.91 -10.40
C TRP A 94 -34.07 8.78 -11.38
N GLU A 95 -34.82 7.73 -11.09
CA GLU A 95 -34.61 6.48 -11.76
C GLU A 95 -34.78 6.59 -13.30
N GLU A 96 -35.91 7.10 -13.74
CA GLU A 96 -36.12 7.06 -15.15
C GLU A 96 -35.16 7.98 -15.97
N LEU A 97 -34.71 9.09 -15.37
CA LEU A 97 -33.63 9.90 -15.91
C LEU A 97 -32.32 9.14 -16.18
N LEU A 98 -31.88 8.44 -15.14
CA LEU A 98 -30.69 7.65 -15.20
C LEU A 98 -30.89 6.57 -16.24
N ASP A 99 -32.07 5.98 -16.22
CA ASP A 99 -32.32 4.92 -17.18
C ASP A 99 -32.47 5.43 -18.63
N THR A 100 -33.23 6.49 -18.91
CA THR A 100 -33.41 6.75 -20.33
C THR A 100 -32.30 7.59 -20.92
N THR A 101 -31.94 8.67 -20.24
CA THR A 101 -30.87 9.52 -20.66
C THR A 101 -29.53 8.90 -20.37
N GLN A 102 -29.39 8.18 -19.29
CA GLN A 102 -28.09 7.59 -19.08
C GLN A 102 -26.91 8.61 -19.17
N PRO A 103 -26.99 9.68 -18.36
CA PRO A 103 -26.01 10.75 -18.48
C PRO A 103 -24.63 10.33 -18.04
N ALA A 104 -23.63 11.04 -18.51
CA ALA A 104 -22.26 10.71 -18.12
C ALA A 104 -22.01 10.98 -16.64
N ILE A 105 -21.38 9.99 -15.95
CA ILE A 105 -21.00 10.15 -14.53
C ILE A 105 -19.49 10.21 -14.52
N VAL A 106 -18.93 11.34 -14.08
CA VAL A 106 -17.48 11.54 -14.14
C VAL A 106 -16.80 11.54 -12.77
N VAL A 107 -15.72 10.77 -12.67
CA VAL A 107 -14.92 10.68 -11.47
C VAL A 107 -13.53 11.27 -11.73
N LYS A 108 -13.05 12.17 -10.90
CA LYS A 108 -11.62 12.58 -10.99
C LYS A 108 -10.99 12.42 -9.62
N ASP A 109 -9.67 12.17 -9.59
CA ASP A 109 -8.98 12.21 -8.35
C ASP A 109 -7.61 12.79 -8.58
N TRP A 110 -6.98 13.27 -7.52
CA TRP A 110 -5.66 13.86 -7.62
C TRP A 110 -4.77 13.16 -6.63
N TYR A 111 -3.56 12.77 -7.04
CA TYR A 111 -2.66 12.12 -6.13
C TYR A 111 -1.19 12.41 -6.37
N SER A 112 -0.42 12.29 -5.32
CA SER A 112 0.98 12.50 -5.47
C SER A 112 1.76 11.64 -4.48
N GLY A 113 3.07 11.80 -4.48
CA GLY A 113 3.93 11.23 -3.44
C GLY A 113 4.99 12.25 -3.08
N ARG A 114 5.69 11.99 -1.98
CA ARG A 114 6.72 12.84 -1.52
C ARG A 114 7.92 12.58 -2.42
N THR A 115 8.82 13.57 -2.48
CA THR A 115 10.01 13.42 -3.30
C THR A 115 11.09 12.60 -2.56
N ASP A 116 10.92 12.38 -1.25
CA ASP A 116 11.91 11.69 -0.44
C ASP A 116 11.50 10.28 -0.01
N ALA A 117 10.35 9.81 -0.50
CA ALA A 117 9.91 8.38 -0.34
C ALA A 117 8.98 8.01 -1.49
N GLY A 118 8.86 6.73 -1.83
CA GLY A 118 7.89 6.32 -2.82
C GLY A 118 6.66 5.89 -2.05
N SER A 119 5.54 5.77 -2.78
CA SER A 119 4.30 5.30 -2.23
C SER A 119 3.41 4.71 -3.31
N LEU A 120 2.31 4.12 -2.86
CA LEU A 120 1.39 3.48 -3.75
C LEU A 120 0.02 4.11 -3.59
N TYR A 121 -0.74 4.09 -4.68
CA TYR A 121 -2.09 4.65 -4.75
C TYR A 121 -3.05 3.56 -5.24
N GLU A 122 -4.29 3.61 -4.84
CA GLU A 122 -5.27 2.79 -5.52
C GLU A 122 -6.66 3.44 -5.56
N LEU A 123 -7.37 3.28 -6.66
CA LEU A 123 -8.67 3.91 -6.81
C LEU A 123 -9.60 2.86 -7.34
N THR A 124 -10.77 2.73 -6.75
CA THR A 124 -11.77 1.76 -7.20
C THR A 124 -13.11 2.52 -7.20
N VAL A 125 -13.80 2.65 -8.34
CA VAL A 125 -15.05 3.43 -8.36
C VAL A 125 -16.07 2.56 -9.05
N ARG A 126 -17.27 2.43 -8.49
CA ARG A 126 -18.23 1.43 -8.97
C ARG A 126 -19.56 2.05 -9.07
N LEU A 127 -20.36 1.55 -9.98
CA LEU A 127 -21.77 1.92 -10.08
C LEU A 127 -22.63 0.80 -9.46
N LEU A 128 -23.53 1.15 -8.56
CA LEU A 128 -24.35 0.14 -7.87
C LEU A 128 -25.80 0.28 -8.23
N SER A 129 -26.47 -0.87 -8.35
CA SER A 129 -27.91 -0.97 -8.42
C SER A 129 -28.39 -0.75 -7.02
N GLU A 130 -29.69 -0.64 -6.80
CA GLU A 130 -30.10 -0.54 -5.41
C GLU A 130 -30.04 -1.82 -4.58
N ASN A 131 -30.00 -2.98 -5.25
CA ASN A 131 -29.65 -4.23 -4.57
C ASN A 131 -28.15 -4.15 -4.22
N GLU A 132 -27.44 -3.18 -4.81
CA GLU A 132 -25.99 -3.01 -4.60
C GLU A 132 -25.12 -4.07 -5.32
N ASP A 133 -25.58 -4.47 -6.49
CA ASP A 133 -24.81 -5.24 -7.40
C ASP A 133 -23.95 -4.26 -8.17
N VAL A 134 -22.68 -4.62 -8.39
CA VAL A 134 -21.78 -3.79 -9.16
C VAL A 134 -22.23 -3.90 -10.58
N LEU A 135 -22.62 -2.80 -11.24
CA LEU A 135 -23.03 -2.82 -12.68
C LEU A 135 -21.91 -2.30 -13.58
N ALA A 136 -20.90 -1.64 -13.00
CA ALA A 136 -19.80 -1.14 -13.76
C ALA A 136 -18.70 -0.73 -12.78
N GLU A 137 -17.43 -0.90 -13.15
CA GLU A 137 -16.31 -0.63 -12.24
C GLU A 137 -15.21 0.07 -13.00
N PHE A 138 -14.45 0.86 -12.32
CA PHE A 138 -13.28 1.51 -12.90
C PHE A 138 -12.29 1.45 -11.79
N ALA A 139 -11.13 0.83 -12.07
CA ALA A 139 -10.26 0.40 -10.99
C ALA A 139 -8.78 0.36 -11.44
N THR A 140 -7.91 1.05 -10.73
CA THR A 140 -6.52 1.07 -11.09
C THR A 140 -5.69 -0.19 -10.66
N GLY A 141 -6.04 -0.94 -9.62
CA GLY A 141 -5.05 -1.80 -9.01
C GLY A 141 -4.11 -0.90 -8.24
N GLN A 142 -3.16 -1.48 -7.51
CA GLN A 142 -2.29 -0.61 -6.74
C GLN A 142 -1.15 -0.24 -7.63
N VAL A 143 -0.85 1.05 -7.73
CA VAL A 143 0.13 1.61 -8.72
C VAL A 143 1.20 2.44 -8.07
N ALA A 144 2.36 2.51 -8.68
CA ALA A 144 3.49 3.23 -8.07
C ALA A 144 3.32 4.69 -8.46
N VAL A 145 3.32 5.56 -7.45
CA VAL A 145 3.04 6.98 -7.64
C VAL A 145 4.31 7.63 -8.22
N PRO A 146 4.22 8.44 -9.28
CA PRO A 146 5.46 9.01 -9.82
C PRO A 146 6.40 9.39 -8.72
N GLU A 147 7.60 8.81 -8.70
CA GLU A 147 8.61 9.20 -7.68
C GLU A 147 9.20 10.63 -7.84
N ASP A 148 8.94 11.36 -8.93
CA ASP A 148 9.40 12.76 -8.97
C ASP A 148 8.52 13.68 -8.10
N GLY A 149 7.51 13.09 -7.44
CA GLY A 149 6.48 13.78 -6.64
C GLY A 149 5.38 14.52 -7.38
N SER A 150 5.30 14.40 -8.68
CA SER A 150 4.36 15.19 -9.44
C SER A 150 2.88 14.72 -9.28
N TRP A 151 1.96 15.64 -9.50
CA TRP A 151 0.57 15.39 -9.22
C TRP A 151 -0.02 14.64 -10.36
N MET A 152 -0.86 13.67 -10.09
CA MET A 152 -1.51 13.01 -11.18
C MET A 152 -2.98 13.22 -11.05
N GLU A 153 -3.63 13.64 -12.16
CA GLU A 153 -5.08 13.65 -12.26
C GLU A 153 -5.50 12.32 -12.83
N ILE A 154 -6.56 11.68 -12.37
CA ILE A 154 -7.00 10.42 -12.94
C ILE A 154 -8.48 10.61 -13.14
N SER A 155 -9.00 10.15 -14.27
CA SER A 155 -10.31 10.54 -14.71
C SER A 155 -10.98 9.40 -15.38
N HIS A 156 -12.20 9.06 -15.05
CA HIS A 156 -12.93 8.17 -15.93
C HIS A 156 -14.29 8.77 -16.07
N THR A 157 -14.94 8.45 -17.18
CA THR A 157 -16.32 8.85 -17.48
C THR A 157 -17.18 7.61 -17.73
N PHE A 158 -18.25 7.42 -16.97
CA PHE A 158 -19.05 6.23 -17.16
C PHE A 158 -20.16 6.57 -18.12
N ILE A 159 -20.39 5.76 -19.13
CA ILE A 159 -21.48 6.02 -20.07
C ILE A 159 -22.06 4.70 -20.50
N ASP A 160 -23.22 4.72 -21.12
CA ASP A 160 -23.98 3.46 -21.43
C ASP A 160 -23.79 2.37 -20.43
N TYR A 161 -23.85 2.71 -19.14
CA TYR A 161 -23.84 1.72 -18.11
C TYR A 161 -25.18 0.92 -17.98
N GLY A 162 -26.25 1.27 -18.72
CA GLY A 162 -27.53 0.51 -18.68
C GLY A 162 -28.45 0.97 -17.54
N PRO A 163 -29.53 0.20 -17.24
CA PRO A 163 -30.52 0.72 -16.25
C PRO A 163 -30.19 0.38 -14.78
N GLY A 164 -30.88 1.05 -13.84
CA GLY A 164 -30.84 0.71 -12.42
C GLY A 164 -29.66 1.15 -11.62
N VAL A 165 -28.84 2.04 -12.18
CA VAL A 165 -27.80 2.65 -11.40
C VAL A 165 -28.43 3.50 -10.29
N ARG A 166 -28.21 3.11 -9.04
CA ARG A 166 -28.63 3.95 -7.95
C ARG A 166 -27.51 4.68 -7.16
N PHE A 167 -26.31 4.09 -7.01
CA PHE A 167 -25.27 4.69 -6.22
C PHE A 167 -23.97 4.69 -7.01
N VAL A 168 -23.03 5.54 -6.57
CA VAL A 168 -21.70 5.53 -7.10
C VAL A 168 -20.89 5.36 -5.85
N ARG A 169 -20.01 4.35 -5.83
CA ARG A 169 -19.14 4.17 -4.68
C ARG A 169 -17.71 4.57 -5.00
N PHE A 170 -17.11 5.43 -4.23
CA PHE A 170 -15.81 5.91 -4.64
C PHE A 170 -14.83 5.61 -3.55
N GLU A 171 -13.77 4.89 -3.86
CA GLU A 171 -12.87 4.51 -2.80
C GLU A 171 -11.45 4.70 -3.26
N HIS A 172 -10.64 5.33 -2.46
CA HIS A 172 -9.30 5.31 -2.83
C HIS A 172 -8.50 5.07 -1.59
N GLY A 173 -7.21 4.84 -1.77
CA GLY A 173 -6.36 4.62 -0.63
C GLY A 173 -4.91 4.90 -0.98
N GLY A 174 -4.06 4.88 0.04
CA GLY A 174 -2.63 4.94 -0.17
C GLY A 174 -1.81 4.31 0.95
N GLN A 175 -0.52 4.10 0.66
CA GLN A 175 0.54 3.86 1.68
C GLN A 175 1.90 4.13 1.12
N ASP A 176 2.90 4.17 2.00
CA ASP A 176 4.26 4.39 1.49
C ASP A 176 4.82 3.06 0.96
N SER A 177 5.91 3.11 0.23
CA SER A 177 6.64 1.86 -0.02
C SER A 177 8.04 2.01 0.56
N VAL A 178 8.13 2.30 1.86
CA VAL A 178 9.40 2.49 2.52
C VAL A 178 9.26 2.08 3.97
N TYR A 179 8.05 1.71 4.35
CA TYR A 179 7.68 1.45 5.77
C TYR A 179 8.32 2.43 6.72
N TRP A 180 8.04 3.74 6.56
CA TRP A 180 8.37 4.80 7.55
C TRP A 180 7.27 5.21 8.55
N LYS A 181 7.67 5.80 9.68
CA LYS A 181 6.73 6.32 10.64
C LYS A 181 6.48 7.68 10.03
N GLY A 182 5.31 8.23 10.32
CA GLY A 182 4.97 9.55 9.79
C GLY A 182 4.00 9.41 8.64
N TRP A 183 4.05 10.38 7.70
CA TRP A 183 3.04 10.48 6.64
C TRP A 183 3.71 10.47 5.29
N PHE A 184 4.34 9.33 4.98
CA PHE A 184 5.14 9.28 3.75
C PHE A 184 4.43 8.53 2.59
N GLY A 185 3.19 8.10 2.87
CA GLY A 185 2.28 7.45 1.91
C GLY A 185 1.85 8.31 0.74
N ALA A 186 0.90 7.82 -0.06
CA ALA A 186 0.43 8.62 -1.18
C ALA A 186 -0.41 9.76 -0.60
N ARG A 187 -0.52 10.82 -1.41
CA ARG A 187 -1.33 11.98 -1.07
C ARG A 187 -2.50 12.12 -2.02
N VAL A 188 -3.72 12.26 -1.47
CA VAL A 188 -4.93 12.38 -2.24
C VAL A 188 -5.72 13.69 -1.88
N THR A 189 -6.39 14.21 -2.90
CA THR A 189 -7.11 15.47 -2.74
C THR A 189 -7.89 15.83 -4.01
N ASN A 190 -8.66 16.90 -3.91
CA ASN A 190 -9.55 17.32 -4.98
C ASN A 190 -10.39 16.26 -5.63
N SER A 191 -10.84 15.29 -4.89
CA SER A 191 -11.66 14.29 -5.55
C SER A 191 -13.01 14.79 -6.04
N SER A 192 -13.51 14.27 -7.16
CA SER A 192 -14.87 14.63 -7.55
C SER A 192 -15.58 13.46 -8.23
N VAL A 193 -16.91 13.45 -8.13
CA VAL A 193 -17.81 12.64 -8.95
C VAL A 193 -18.85 13.70 -9.39
N TRP A 194 -19.32 13.64 -10.63
CA TRP A 194 -20.55 14.36 -11.00
C TRP A 194 -21.23 13.77 -12.18
N VAL A 195 -22.42 14.29 -12.44
CA VAL A 195 -23.25 13.88 -13.56
C VAL A 195 -23.23 14.97 -14.59
N GLU A 196 -23.19 14.57 -15.85
CA GLU A 196 -23.32 15.56 -16.88
C GLU A 196 -24.04 15.11 -18.12
N PRO A 197 -24.56 16.09 -18.87
CA PRO A 197 -25.15 15.76 -20.16
C PRO A 197 -23.97 15.13 -20.91
N LYS B 1 -3.99 -4.44 8.53
CA LYS B 1 -2.55 -4.62 8.87
C LYS B 1 -1.53 -4.34 7.70
N GLU B 2 -0.28 -4.79 7.90
CA GLU B 2 0.65 -5.14 6.83
C GLU B 2 0.46 -6.63 6.71
N THR B 3 0.44 -7.14 5.48
CA THR B 3 0.18 -8.57 5.31
C THR B 3 1.30 -9.44 5.82
N ALA B 4 1.02 -10.72 6.01
CA ALA B 4 2.08 -11.58 6.47
C ALA B 4 2.89 -11.97 5.25
N ALA B 5 3.22 -11.02 4.39
CA ALA B 5 3.86 -11.38 3.14
C ALA B 5 4.71 -10.22 2.69
N ALA B 6 4.19 -9.05 2.99
CA ALA B 6 5.00 -7.85 2.96
C ALA B 6 5.87 -7.82 4.24
N LYS B 7 5.39 -8.41 5.35
CA LYS B 7 6.22 -8.61 6.52
C LYS B 7 7.48 -9.37 6.15
N PHE B 8 7.23 -10.54 5.57
CA PHE B 8 8.31 -11.35 5.16
C PHE B 8 9.25 -10.61 4.24
N GLU B 9 8.72 -9.73 3.43
CA GLU B 9 9.61 -8.97 2.58
C GLU B 9 10.48 -8.04 3.38
N ARG B 10 9.89 -7.50 4.42
CA ARG B 10 10.54 -6.40 5.10
C ARG B 10 11.62 -7.04 5.98
N GLN B 11 11.36 -8.22 6.49
CA GLN B 11 12.21 -8.76 7.48
C GLN B 11 13.26 -9.64 6.90
N HIS B 12 13.14 -9.99 5.63
CA HIS B 12 14.03 -11.00 5.08
C HIS B 12 14.54 -10.73 3.71
N MET B 13 14.02 -9.71 3.04
CA MET B 13 14.54 -9.56 1.71
C MET B 13 15.34 -8.33 1.69
N ASP B 14 16.48 -8.48 1.07
CA ASP B 14 17.25 -7.33 0.69
C ASP B 14 17.79 -7.60 -0.70
N SER B 15 16.99 -7.31 -1.70
CA SER B 15 17.42 -7.55 -3.07
C SER B 15 18.44 -6.54 -3.56
N SER B 16 18.45 -5.33 -3.03
CA SER B 16 19.33 -4.34 -3.62
C SER B 16 20.82 -4.64 -3.37
N THR B 17 21.17 -5.65 -2.59
CA THR B 17 22.58 -5.90 -2.24
C THR B 17 22.85 -7.34 -2.55
N SER B 18 24.11 -7.58 -2.85
CA SER B 18 24.60 -8.87 -3.18
C SER B 18 24.95 -9.84 -2.05
N ALA B 19 25.58 -9.29 -1.03
CA ALA B 19 26.05 -10.01 0.13
C ALA B 19 26.17 -8.89 1.09
N ALA B 20 26.38 -9.22 2.37
CA ALA B 20 26.63 -8.15 3.36
C ALA B 20 27.80 -7.21 2.97
N SER B 21 27.63 -5.95 3.30
CA SER B 21 28.48 -4.96 2.69
C SER B 21 29.51 -4.33 3.63
N SER B 22 29.54 -4.80 4.88
CA SER B 22 30.56 -4.43 5.88
C SER B 22 30.08 -5.09 7.17
N SER B 23 30.78 -4.93 8.30
CA SER B 23 30.39 -5.71 9.45
C SER B 23 29.27 -5.02 10.16
N ASN B 24 28.96 -3.82 9.68
CA ASN B 24 27.94 -3.00 10.29
C ASN B 24 26.53 -3.19 9.74
N TYR B 25 26.44 -4.10 8.79
CA TYR B 25 25.25 -4.37 8.03
C TYR B 25 24.10 -4.84 8.95
N CYS B 26 24.31 -5.83 9.81
CA CYS B 26 23.24 -6.22 10.69
C CYS B 26 22.72 -5.07 11.55
N ASN B 27 23.63 -4.27 12.11
CA ASN B 27 23.21 -3.07 12.87
C ASN B 27 22.22 -2.21 12.02
N GLN B 28 22.61 -1.85 10.80
CA GLN B 28 21.75 -1.06 9.95
C GLN B 28 20.49 -1.80 9.49
N MET B 29 20.59 -3.02 8.98
CA MET B 29 19.36 -3.58 8.54
C MET B 29 18.39 -3.87 9.64
N MET B 30 18.87 -4.15 10.85
CA MET B 30 17.91 -4.45 11.95
C MET B 30 17.17 -3.21 12.34
N LYS B 31 17.86 -2.10 12.26
CA LYS B 31 17.26 -0.82 12.50
C LYS B 31 16.28 -0.43 11.38
N SER B 32 16.79 -0.36 10.15
CA SER B 32 15.97 0.24 9.12
C SER B 32 14.84 -0.66 8.74
N ARG B 33 14.93 -1.98 8.90
CA ARG B 33 13.70 -2.72 8.65
C ARG B 33 12.84 -2.83 9.91
N ASN B 34 13.20 -2.07 10.95
CA ASN B 34 12.40 -2.05 12.18
C ASN B 34 12.27 -3.32 12.93
N LEU B 35 13.35 -4.10 13.02
CA LEU B 35 13.28 -5.24 13.92
C LEU B 35 13.80 -4.79 15.32
N THR B 36 13.97 -3.51 15.50
CA THR B 36 14.37 -3.16 16.82
C THR B 36 13.35 -2.26 17.40
N LYS B 37 12.07 -2.48 17.14
CA LYS B 37 11.15 -1.40 17.35
C LYS B 37 10.88 -1.16 18.82
N ASP B 38 10.51 -2.19 19.59
CA ASP B 38 10.37 -2.03 21.03
C ASP B 38 11.28 -2.96 21.80
N ARG B 39 11.67 -4.08 21.19
CA ARG B 39 12.58 -5.02 21.79
C ARG B 39 13.66 -5.22 20.73
N CYS B 40 14.83 -5.74 21.12
CA CYS B 40 15.77 -6.24 20.08
C CYS B 40 15.39 -7.63 19.61
N LYS B 41 15.12 -7.75 18.31
CA LYS B 41 14.87 -9.09 17.80
C LYS B 41 16.21 -9.81 17.93
N PRO B 42 16.23 -10.92 18.66
CA PRO B 42 17.43 -11.73 18.91
C PRO B 42 18.19 -12.22 17.66
N VAL B 43 17.45 -12.72 16.68
CA VAL B 43 18.02 -13.46 15.54
C VAL B 43 17.27 -13.07 14.27
N ASN B 44 17.97 -12.96 13.13
CA ASN B 44 17.26 -12.65 11.93
C ASN B 44 18.04 -12.99 10.74
N THR B 45 17.44 -13.34 9.61
CA THR B 45 18.27 -13.56 8.42
C THR B 45 17.85 -12.74 7.20
N PHE B 46 18.77 -12.18 6.46
CA PHE B 46 18.35 -11.50 5.23
C PHE B 46 18.84 -12.24 3.99
N VAL B 47 18.19 -12.04 2.85
CA VAL B 47 18.45 -12.86 1.66
C VAL B 47 18.68 -11.91 0.51
N HIS B 48 19.82 -12.10 -0.13
CA HIS B 48 20.37 -11.10 -1.08
C HIS B 48 20.19 -11.70 -2.45
N GLU B 49 18.93 -12.04 -2.73
CA GLU B 49 18.56 -12.55 -4.02
C GLU B 49 17.43 -11.63 -4.52
N SER B 50 17.02 -11.79 -5.77
CA SER B 50 15.85 -11.04 -6.30
C SER B 50 14.62 -11.66 -5.67
N LEU B 51 13.53 -10.89 -5.67
CA LEU B 51 12.29 -11.28 -4.98
C LEU B 51 11.64 -12.47 -5.68
N ALA B 52 11.64 -12.36 -7.01
CA ALA B 52 11.31 -13.40 -7.93
C ALA B 52 11.89 -14.80 -7.47
N ASP B 53 13.23 -14.82 -7.35
CA ASP B 53 14.01 -16.07 -7.09
C ASP B 53 13.55 -16.71 -5.78
N VAL B 54 13.30 -15.81 -4.83
CA VAL B 54 12.83 -16.24 -3.54
C VAL B 54 11.39 -16.69 -3.59
N GLN B 55 10.54 -15.99 -4.37
CA GLN B 55 9.18 -16.50 -4.67
C GLN B 55 9.16 -17.95 -5.16
N ALA B 56 9.98 -18.20 -6.18
CA ALA B 56 10.20 -19.53 -6.77
C ALA B 56 10.37 -20.71 -5.77
N VAL B 57 10.81 -20.43 -4.55
CA VAL B 57 11.24 -21.55 -3.70
C VAL B 57 10.02 -22.31 -3.30
N CYS B 58 8.88 -21.65 -3.53
CA CYS B 58 7.60 -22.11 -3.01
C CYS B 58 7.16 -23.36 -3.78
N SER B 59 7.73 -23.50 -4.97
CA SER B 59 7.41 -24.65 -5.80
C SER B 59 8.69 -25.45 -5.96
N GLN B 60 9.34 -25.83 -4.85
CA GLN B 60 10.66 -26.50 -4.90
C GLN B 60 10.60 -27.56 -3.81
N LYS B 61 11.73 -28.11 -3.36
CA LYS B 61 11.66 -29.31 -2.46
C LYS B 61 10.82 -29.05 -1.19
N ASN B 62 9.65 -29.70 -1.10
CA ASN B 62 8.78 -29.60 0.06
C ASN B 62 9.43 -30.34 1.23
N VAL B 63 9.65 -29.66 2.38
CA VAL B 63 10.17 -30.28 3.65
C VAL B 63 9.37 -29.92 4.89
N ALA B 64 9.67 -30.66 5.98
CA ALA B 64 9.04 -30.45 7.28
C ALA B 64 9.54 -29.12 7.88
N CYS B 65 8.66 -28.16 8.23
CA CYS B 65 9.18 -26.99 8.95
C CYS B 65 9.82 -27.45 10.20
N LYS B 66 10.68 -26.62 10.77
CA LYS B 66 11.36 -27.03 12.00
C LYS B 66 10.39 -27.14 13.22
N ASN B 67 9.17 -26.64 13.06
CA ASN B 67 8.04 -26.82 14.01
C ASN B 67 7.08 -27.94 13.60
N GLY B 68 7.53 -28.82 12.72
CA GLY B 68 6.77 -30.01 12.36
C GLY B 68 5.49 -29.79 11.56
N GLN B 69 5.22 -28.61 11.00
CA GLN B 69 4.24 -28.58 9.88
C GLN B 69 4.85 -29.03 8.55
N THR B 70 4.25 -28.54 7.48
CA THR B 70 4.08 -29.30 6.25
C THR B 70 4.53 -28.52 5.05
N ASN B 71 4.33 -27.21 5.17
CA ASN B 71 4.27 -26.31 4.05
C ASN B 71 5.55 -25.53 3.85
N CYS B 72 6.66 -26.21 4.08
CA CYS B 72 7.95 -25.55 4.07
C CYS B 72 8.67 -26.01 2.83
N TYR B 73 9.48 -25.11 2.26
CA TYR B 73 10.20 -25.40 1.02
C TYR B 73 11.67 -25.03 0.96
N GLN B 74 12.51 -26.03 0.75
CA GLN B 74 13.90 -25.79 0.60
C GLN B 74 14.14 -25.33 -0.81
N SER B 75 15.16 -24.51 -1.00
CA SER B 75 15.48 -23.91 -2.28
C SER B 75 16.39 -24.88 -3.01
N TYR B 76 16.44 -24.78 -4.34
CA TYR B 76 17.20 -25.79 -5.07
C TYR B 76 18.67 -25.41 -5.06
N SER B 77 18.99 -24.24 -5.58
CA SER B 77 20.26 -23.58 -5.30
C SER B 77 20.47 -23.13 -3.83
N THR B 78 21.70 -22.75 -3.53
CA THR B 78 22.00 -22.13 -2.24
C THR B 78 22.00 -20.63 -2.55
N MET B 79 21.62 -19.80 -1.57
CA MET B 79 21.58 -18.37 -1.82
C MET B 79 22.56 -17.55 -0.99
N SER B 80 22.74 -16.30 -1.40
CA SER B 80 23.55 -15.39 -0.66
C SER B 80 22.72 -14.83 0.55
N ILE B 81 23.15 -15.13 1.78
CA ILE B 81 22.41 -14.69 2.95
C ILE B 81 23.26 -14.07 4.03
N THR B 82 22.61 -13.42 5.00
CA THR B 82 23.30 -12.81 6.09
C THR B 82 22.51 -13.14 7.31
N ASP B 83 23.13 -13.78 8.31
CA ASP B 83 22.50 -13.97 9.63
C ASP B 83 22.85 -12.83 10.54
N CYS B 84 21.85 -12.40 11.30
CA CYS B 84 22.03 -11.37 12.32
C CYS B 84 21.61 -11.94 13.66
N ARG B 85 22.52 -11.76 14.62
CA ARG B 85 22.45 -12.38 15.96
C ARG B 85 22.85 -11.18 16.88
N GLU B 86 22.02 -10.88 17.88
CA GLU B 86 22.45 -10.02 18.97
C GLU B 86 23.82 -10.35 19.51
N THR B 87 24.57 -9.27 19.80
CA THR B 87 25.79 -9.22 20.55
C THR B 87 25.49 -9.24 21.99
N GLY B 88 26.37 -9.84 22.80
CA GLY B 88 26.21 -9.88 24.27
C GLY B 88 26.53 -8.45 24.64
N SER B 89 25.79 -7.77 25.50
CA SER B 89 25.87 -6.30 25.47
C SER B 89 25.08 -5.50 24.39
N SER B 90 24.21 -6.11 23.62
CA SER B 90 23.11 -5.37 23.01
C SER B 90 22.07 -5.02 24.14
N LYS B 91 21.60 -3.75 24.22
CA LYS B 91 20.52 -3.40 25.17
C LYS B 91 19.56 -2.33 24.64
N TYR B 92 18.31 -2.73 24.56
CA TYR B 92 17.36 -1.90 23.88
C TYR B 92 17.29 -0.54 24.54
N PRO B 93 17.38 0.58 23.80
CA PRO B 93 17.20 0.75 22.37
C PRO B 93 18.50 0.87 21.60
N ASN B 94 19.60 0.37 22.14
CA ASN B 94 20.81 0.28 21.33
C ASN B 94 20.97 -1.16 21.21
N CYS B 95 20.38 -1.64 20.14
CA CYS B 95 20.36 -3.01 19.83
C CYS B 95 21.64 -3.20 19.07
N ALA B 96 22.31 -4.31 19.20
CA ALA B 96 23.56 -4.46 18.48
C ALA B 96 23.77 -5.92 18.06
N TYR B 97 24.47 -6.08 16.92
CA TYR B 97 24.40 -7.30 16.20
C TYR B 97 25.70 -7.61 15.61
N LYS B 98 25.84 -8.89 15.37
CA LYS B 98 26.93 -9.57 14.71
C LYS B 98 26.41 -9.88 13.31
N THR B 99 27.24 -9.62 12.30
CA THR B 99 26.93 -10.03 10.96
C THR B 99 27.54 -11.37 10.61
N THR B 100 26.88 -12.29 9.89
CA THR B 100 27.56 -13.53 9.48
C THR B 100 27.23 -13.75 8.00
N GLN B 101 28.21 -13.77 7.14
CA GLN B 101 27.95 -14.08 5.74
C GLN B 101 27.79 -15.57 5.58
N ALA B 102 26.91 -15.90 4.64
CA ALA B 102 26.67 -17.25 4.26
C ALA B 102 26.07 -17.34 2.84
N ASN B 103 26.10 -18.59 2.39
CA ASN B 103 25.68 -19.02 1.13
C ASN B 103 25.21 -20.46 1.31
N LYS B 104 23.89 -20.65 1.46
CA LYS B 104 23.27 -21.91 1.85
C LYS B 104 21.88 -22.08 1.23
N HIS B 105 21.26 -23.23 1.35
CA HIS B 105 19.91 -23.29 0.81
C HIS B 105 19.05 -22.68 1.88
N ILE B 106 18.04 -21.91 1.54
CA ILE B 106 17.14 -21.47 2.59
C ILE B 106 15.85 -22.30 2.58
N ILE B 107 15.19 -22.40 3.73
CA ILE B 107 13.91 -23.09 3.89
C ILE B 107 12.81 -22.09 4.33
N VAL B 108 11.99 -21.64 3.40
CA VAL B 108 10.87 -20.73 3.77
C VAL B 108 9.56 -21.45 3.87
N ALA B 109 8.60 -20.86 4.58
CA ALA B 109 7.21 -21.38 4.61
C ALA B 109 6.29 -20.49 3.81
N CYS B 110 5.59 -21.11 2.85
CA CYS B 110 4.65 -20.35 2.00
C CYS B 110 3.21 -20.61 2.39
N GLU B 111 2.31 -19.78 1.84
CA GLU B 111 0.89 -19.87 2.18
C GLU B 111 0.06 -18.87 1.39
N GLY B 112 -1.24 -19.21 1.29
CA GLY B 112 -2.27 -18.34 0.67
C GLY B 112 -2.09 -18.24 -0.83
N ASN B 113 -2.94 -17.44 -1.47
CA ASN B 113 -2.88 -17.23 -2.89
C ASN B 113 -2.85 -15.73 -3.16
N PRO B 114 -1.89 -15.26 -4.00
CA PRO B 114 -0.78 -16.14 -4.54
C PRO B 114 -0.03 -16.95 -3.42
N TYR B 115 0.66 -18.02 -3.82
CA TYR B 115 1.47 -18.83 -2.89
C TYR B 115 2.83 -18.16 -2.59
N VAL B 116 2.89 -17.36 -1.53
CA VAL B 116 4.13 -16.62 -1.29
C VAL B 116 4.79 -17.05 0.03
N PRO B 117 6.12 -16.79 0.17
CA PRO B 117 6.82 -16.98 1.46
C PRO B 117 6.27 -16.08 2.55
N VAL B 118 6.06 -16.71 3.68
CA VAL B 118 5.40 -16.07 4.76
C VAL B 118 6.22 -16.06 6.08
N HIS B 119 7.07 -17.09 6.32
CA HIS B 119 8.10 -17.13 7.40
C HIS B 119 9.38 -17.58 6.81
N PHE B 120 10.47 -17.20 7.48
CA PHE B 120 11.78 -17.79 7.19
C PHE B 120 12.04 -18.89 8.18
N ASP B 121 12.30 -20.11 7.75
CA ASP B 121 12.41 -21.20 8.74
C ASP B 121 13.82 -21.63 9.20
N ALA B 122 14.76 -21.69 8.25
CA ALA B 122 16.06 -22.32 8.47
C ALA B 122 16.94 -22.09 7.24
N SER B 123 18.24 -22.22 7.35
CA SER B 123 19.06 -22.28 6.17
C SER B 123 19.90 -23.56 6.16
N VAL B 124 20.28 -24.09 5.00
CA VAL B 124 21.02 -25.34 5.00
C VAL B 124 22.16 -25.40 3.99
#